data_1PU7
#
_entry.id   1PU7
#
_cell.length_a   146.605
_cell.length_b   44.399
_cell.length_c   81.516
_cell.angle_alpha   90.00
_cell.angle_beta   106.40
_cell.angle_gamma   90.00
#
_symmetry.space_group_name_H-M   'C 1 2 1'
#
loop_
_entity.id
_entity.type
_entity.pdbx_description
1 polymer '3-METHYLADENINE DNA GLYCOSYLASE'
2 non-polymer 6-AMINO-3,9-DIMETHYL-9H-PURIN-3-IUM
3 non-polymer BETA-MERCAPTOETHANOL
4 water water
#
_entity_poly.entity_id   1
_entity_poly.type   'polypeptide(L)'
_entity_poly.pdbx_seq_one_letter_code
;VLDSFEILKALKSLDLLKNAPAWWWPNALKFEALLGAVLTQNTKFEAVLKSLENLKNAFILENDDEINLKKIAYIEFSKL
AECVRPSGFYNQKAKRLIDLSGNILKDFQSFENFKQEVTREWLLDQKGIGKESADAILCYACAKEVMVVDKYSYLFLKKL
GIEIEDYDELQHFFEKGVQENLNSALALYENTISLAQLYARFHG(KCX)IVEFSKQKLELKL
;
_entity_poly.pdbx_strand_id   A,B
#
loop_
_chem_comp.id
_chem_comp.type
_chem_comp.name
_chem_comp.formula
39A non-polymer 6-AMINO-3,9-DIMETHYL-9H-PURIN-3-IUM 'C7 H10 N5 1'
BME non-polymer BETA-MERCAPTOETHANOL 'C2 H6 O S'
#
# COMPACT_ATOMS: atom_id res chain seq x y z
N LEU A 2 42.31 -14.31 -12.41
CA LEU A 2 41.24 -13.39 -12.90
C LEU A 2 39.79 -13.91 -12.74
N ASP A 3 39.12 -13.38 -11.73
CA ASP A 3 37.70 -13.69 -11.53
C ASP A 3 36.93 -12.39 -11.31
N SER A 4 35.62 -12.48 -11.13
CA SER A 4 34.82 -11.26 -11.16
C SER A 4 34.97 -10.43 -9.88
N PHE A 5 35.47 -11.07 -8.84
CA PHE A 5 35.72 -10.38 -7.59
C PHE A 5 36.94 -9.49 -7.77
N GLU A 6 37.99 -10.02 -8.41
CA GLU A 6 39.13 -9.16 -8.73
C GLU A 6 38.73 -7.97 -9.60
N ILE A 7 37.86 -8.22 -10.57
CA ILE A 7 37.32 -7.16 -11.44
C ILE A 7 36.52 -6.13 -10.66
N LEU A 8 35.65 -6.62 -9.77
CA LEU A 8 34.86 -5.72 -8.93
C LEU A 8 35.75 -4.75 -8.15
N LYS A 9 36.75 -5.30 -7.47
CA LYS A 9 37.66 -4.47 -6.70
C LYS A 9 38.36 -3.42 -7.56
N ALA A 10 38.90 -3.85 -8.72
CA ALA A 10 39.57 -2.91 -9.62
C ALA A 10 38.59 -1.84 -10.13
N LEU A 11 37.34 -2.24 -10.44
CA LEU A 11 36.35 -1.27 -10.90
C LEU A 11 35.94 -0.32 -9.78
N LYS A 12 35.78 -0.87 -8.59
CA LYS A 12 35.40 -0.09 -7.44
C LYS A 12 36.45 1.00 -7.15
N SER A 13 37.72 0.68 -7.30
CA SER A 13 38.79 1.67 -7.04
C SER A 13 38.79 2.90 -7.98
N LEU A 14 38.05 2.81 -9.09
CA LEU A 14 37.99 3.88 -10.07
C LEU A 14 36.92 4.93 -9.77
N ASP A 15 35.99 4.58 -8.89
CA ASP A 15 34.93 5.49 -8.47
C ASP A 15 34.05 5.93 -9.63
N LEU A 16 33.70 4.96 -10.47
CA LEU A 16 32.90 5.21 -11.65
C LEU A 16 31.48 5.64 -11.31
N LEU A 17 31.05 5.40 -10.07
CA LEU A 17 29.65 5.69 -9.73
C LEU A 17 29.52 6.92 -8.85
N LYS A 18 30.61 7.69 -8.74
CA LYS A 18 30.67 8.84 -7.84
C LYS A 18 29.40 9.67 -7.90
N ASN A 19 28.91 9.91 -9.12
CA ASN A 19 27.77 10.79 -9.31
C ASN A 19 26.44 10.06 -9.53
N ALA A 20 26.44 8.72 -9.45
CA ALA A 20 25.24 7.93 -9.76
C ALA A 20 24.33 7.75 -8.53
N PRO A 21 23.05 7.43 -8.72
CA PRO A 21 22.19 7.06 -7.58
C PRO A 21 22.59 5.69 -7.00
N ALA A 22 22.00 5.33 -5.86
CA ALA A 22 22.42 4.17 -5.09
C ALA A 22 22.39 2.84 -5.88
N TRP A 23 21.39 2.65 -6.74
CA TRP A 23 21.29 1.40 -7.50
C TRP A 23 21.72 1.61 -8.94
N TRP A 24 22.41 2.71 -9.20
CA TRP A 24 22.88 3.13 -10.54
C TRP A 24 21.78 3.50 -11.52
N TRP A 25 20.86 2.58 -11.82
CA TRP A 25 19.72 2.86 -12.67
C TRP A 25 18.85 3.92 -12.01
N PRO A 26 18.58 5.04 -12.70
CA PRO A 26 17.70 6.09 -12.14
C PRO A 26 16.30 5.56 -11.85
N ASN A 27 15.75 5.89 -10.68
CA ASN A 27 14.43 5.40 -10.29
C ASN A 27 14.35 3.87 -10.27
N ALA A 28 15.42 3.25 -9.77
CA ALA A 28 15.41 1.83 -9.49
C ALA A 28 14.26 1.48 -8.54
N LEU A 29 13.83 0.23 -8.64
CA LEU A 29 12.87 -0.38 -7.74
C LEU A 29 11.46 0.17 -7.95
N LYS A 30 11.26 0.80 -9.09
CA LYS A 30 9.98 1.43 -9.44
C LYS A 30 9.57 0.97 -10.83
N PHE A 31 8.29 1.16 -11.17
CA PHE A 31 7.78 0.78 -12.48
C PHE A 31 8.61 1.35 -13.61
N GLU A 32 9.07 2.60 -13.43
CA GLU A 32 9.88 3.27 -14.45
C GLU A 32 11.14 2.48 -14.80
N ALA A 33 11.73 1.79 -13.83
CA ALA A 33 12.93 0.98 -14.11
C ALA A 33 12.58 -0.15 -15.06
N LEU A 34 11.44 -0.81 -14.81
CA LEU A 34 10.93 -1.84 -15.71
C LEU A 34 10.68 -1.27 -17.11
N LEU A 35 10.05 -0.11 -17.19
CA LEU A 35 9.85 0.50 -18.50
C LEU A 35 11.18 0.71 -19.22
N GLY A 36 12.15 1.23 -18.48
CA GLY A 36 13.49 1.47 -19.02
C GLY A 36 14.21 0.23 -19.46
N ALA A 37 14.04 -0.84 -18.70
CA ALA A 37 14.73 -2.08 -18.99
C ALA A 37 14.27 -2.64 -20.35
N VAL A 38 13.00 -2.41 -20.68
CA VAL A 38 12.43 -2.87 -21.97
C VAL A 38 12.85 -1.94 -23.09
N LEU A 39 12.73 -0.62 -22.84
CA LEU A 39 13.03 0.38 -23.85
C LEU A 39 14.49 0.49 -24.24
N THR A 40 15.39 0.12 -23.33
CA THR A 40 16.83 0.30 -23.57
C THR A 40 17.40 -0.75 -24.56
N GLN A 41 16.64 -1.82 -24.83
CA GLN A 41 17.09 -2.87 -25.75
C GLN A 41 17.39 -2.29 -27.12
N ASN A 42 18.61 -2.56 -27.60
CA ASN A 42 19.06 -2.12 -28.94
C ASN A 42 19.15 -0.62 -29.14
N THR A 43 19.24 0.11 -28.02
CA THR A 43 19.36 1.57 -28.11
C THR A 43 20.22 2.11 -26.97
N LYS A 44 20.40 3.41 -26.93
CA LYS A 44 21.21 4.08 -25.91
C LYS A 44 20.28 4.61 -24.84
N PHE A 45 20.75 4.57 -23.60
CA PHE A 45 19.92 4.92 -22.48
C PHE A 45 19.48 6.38 -22.49
N GLU A 46 20.27 7.25 -23.11
CA GLU A 46 19.92 8.67 -23.23
C GLU A 46 18.57 8.81 -23.96
N ALA A 47 18.39 8.01 -25.01
CA ALA A 47 17.12 7.94 -25.76
C ALA A 47 15.97 7.41 -24.92
N VAL A 48 16.25 6.39 -24.10
CA VAL A 48 15.29 5.89 -23.11
C VAL A 48 14.80 7.00 -22.19
N LEU A 49 15.72 7.82 -21.69
CA LEU A 49 15.35 8.93 -20.81
C LEU A 49 14.36 9.90 -21.48
N LYS A 50 14.56 10.15 -22.78
CA LYS A 50 13.65 10.95 -23.59
C LYS A 50 12.24 10.35 -23.69
N SER A 51 12.16 9.04 -23.98
CA SER A 51 10.86 8.36 -24.04
C SER A 51 10.16 8.48 -22.69
N LEU A 52 10.89 8.20 -21.60
CA LEU A 52 10.33 8.35 -20.25
C LEU A 52 9.82 9.76 -19.99
N GLU A 53 10.59 10.77 -20.42
CA GLU A 53 10.18 12.14 -20.19
C GLU A 53 8.92 12.45 -20.99
N ASN A 54 8.79 11.84 -22.18
CA ASN A 54 7.58 11.96 -23.00
C ASN A 54 6.35 11.42 -22.27
N LEU A 55 6.51 10.24 -21.67
CA LEU A 55 5.45 9.61 -20.91
C LEU A 55 5.11 10.44 -19.68
N LYS A 56 6.12 10.98 -19.02
CA LYS A 56 5.87 11.85 -17.88
C LYS A 56 5.22 13.15 -18.30
N ASN A 57 5.69 13.76 -19.38
CA ASN A 57 5.10 15.03 -19.83
C ASN A 57 3.65 14.91 -20.30
N ALA A 58 3.27 13.72 -20.74
CA ALA A 58 1.91 13.46 -21.19
C ALA A 58 1.05 12.98 -20.03
N PHE A 59 1.62 12.95 -18.83
CA PHE A 59 0.91 12.44 -17.64
C PHE A 59 0.41 10.97 -17.77
N ILE A 60 1.09 10.19 -18.59
CA ILE A 60 0.84 8.75 -18.69
C ILE A 60 1.51 8.09 -17.50
N LEU A 61 2.71 8.53 -17.19
CA LEU A 61 3.45 8.06 -16.04
C LEU A 61 3.43 9.20 -15.00
N GLU A 62 2.82 8.93 -13.83
CA GLU A 62 2.80 9.87 -12.71
C GLU A 62 3.35 9.16 -11.47
N ASN A 63 2.91 9.54 -10.27
CA ASN A 63 3.63 9.12 -9.07
C ASN A 63 3.21 7.76 -8.44
N ASP A 64 2.13 7.16 -8.94
CA ASP A 64 1.60 5.92 -8.38
C ASP A 64 1.88 4.78 -9.36
N ASP A 65 2.72 3.83 -8.95
CA ASP A 65 3.12 2.74 -9.85
C ASP A 65 1.98 1.76 -10.22
N GLU A 66 1.00 1.61 -9.33
CA GLU A 66 -0.12 0.70 -9.63
C GLU A 66 -0.97 1.34 -10.70
N ILE A 67 -1.20 2.65 -10.58
CA ILE A 67 -1.89 3.41 -11.62
C ILE A 67 -1.09 3.37 -12.93
N ASN A 68 0.23 3.57 -12.84
CA ASN A 68 1.09 3.58 -14.04
C ASN A 68 1.00 2.22 -14.75
N LEU A 69 1.04 1.12 -13.99
CA LEU A 69 0.93 -0.22 -14.60
C LEU A 69 -0.36 -0.37 -15.41
N LYS A 70 -1.48 0.00 -14.81
CA LYS A 70 -2.75 -0.06 -15.51
C LYS A 70 -2.79 0.86 -16.73
N LYS A 71 -2.22 2.07 -16.61
CA LYS A 71 -2.15 3.03 -17.71
C LYS A 71 -1.50 2.41 -18.95
N ILE A 72 -0.39 1.71 -18.74
CA ILE A 72 0.32 1.07 -19.85
C ILE A 72 -0.42 -0.15 -20.35
N ALA A 73 -1.01 -0.93 -19.46
CA ALA A 73 -1.80 -2.08 -19.91
C ALA A 73 -2.92 -1.65 -20.87
N TYR A 74 -3.53 -0.49 -20.61
CA TYR A 74 -4.76 -0.11 -21.32
C TYR A 74 -4.62 1.04 -22.29
N ILE A 75 -3.41 1.60 -22.39
CA ILE A 75 -3.16 2.75 -23.27
C ILE A 75 -3.40 2.33 -24.71
N GLU A 76 -3.97 3.24 -25.50
CA GLU A 76 -4.12 3.00 -26.93
C GLU A 76 -2.73 2.75 -27.54
N PHE A 77 -2.59 1.61 -28.24
CA PHE A 77 -1.31 1.25 -28.86
C PHE A 77 -0.59 2.42 -29.55
N SER A 78 -1.31 3.11 -30.46
CA SER A 78 -0.67 4.08 -31.31
C SER A 78 -0.16 5.30 -30.52
N LYS A 79 -0.82 5.62 -29.42
CA LYS A 79 -0.37 6.67 -28.52
C LYS A 79 0.92 6.27 -27.80
N LEU A 80 0.99 5.03 -27.36
CA LEU A 80 2.21 4.61 -26.65
C LEU A 80 3.36 4.59 -27.64
N ALA A 81 3.10 4.04 -28.82
CA ALA A 81 4.12 3.96 -29.86
C ALA A 81 4.73 5.34 -30.15
N GLU A 82 3.87 6.35 -30.35
CA GLU A 82 4.39 7.68 -30.53
C GLU A 82 5.28 8.16 -29.39
N CYS A 83 4.83 8.02 -28.14
CA CYS A 83 5.63 8.54 -27.03
C CYS A 83 7.04 7.93 -26.91
N VAL A 84 7.19 6.67 -27.35
CA VAL A 84 8.46 5.96 -27.13
C VAL A 84 9.32 5.94 -28.39
N ARG A 85 8.91 6.75 -29.37
CA ARG A 85 9.71 6.96 -30.57
C ARG A 85 11.20 7.15 -30.29
N PRO A 86 11.61 8.01 -29.35
CA PRO A 86 13.05 8.32 -29.21
C PRO A 86 13.91 7.10 -29.00
N SER A 87 13.38 6.06 -28.37
CA SER A 87 14.20 4.89 -28.08
C SER A 87 14.11 3.80 -29.17
N GLY A 88 13.47 4.13 -30.29
CA GLY A 88 13.48 3.28 -31.47
C GLY A 88 12.62 2.03 -31.38
N PHE A 89 12.41 1.34 -32.51
CA PHE A 89 11.67 0.08 -32.53
C PHE A 89 10.37 0.25 -31.74
N TYR A 90 9.73 1.38 -31.99
CA TYR A 90 8.73 1.93 -31.08
C TYR A 90 7.38 1.24 -31.20
N ASN A 91 6.97 0.85 -32.41
CA ASN A 91 5.83 -0.08 -32.55
C ASN A 91 6.06 -1.41 -31.84
N GLN A 92 7.22 -2.03 -32.04
CA GLN A 92 7.47 -3.30 -31.34
C GLN A 92 7.48 -3.10 -29.82
N LYS A 93 8.19 -2.07 -29.38
CA LYS A 93 8.34 -1.79 -27.95
C LYS A 93 7.05 -1.40 -27.26
N ALA A 94 6.19 -0.69 -27.97
CA ALA A 94 4.90 -0.33 -27.40
C ALA A 94 4.06 -1.59 -27.21
N LYS A 95 4.02 -2.45 -28.21
CA LYS A 95 3.29 -3.73 -28.10
C LYS A 95 3.87 -4.63 -26.96
N ARG A 96 5.19 -4.72 -26.91
CA ARG A 96 5.91 -5.45 -25.90
C ARG A 96 5.47 -4.96 -24.49
N LEU A 97 5.44 -3.64 -24.29
CA LEU A 97 5.07 -3.03 -22.98
C LEU A 97 3.61 -3.20 -22.63
N ILE A 98 2.73 -3.07 -23.64
CA ILE A 98 1.30 -3.23 -23.41
C ILE A 98 0.99 -4.68 -23.09
N ASP A 99 1.51 -5.61 -23.87
CA ASP A 99 1.26 -7.04 -23.62
C ASP A 99 1.85 -7.42 -22.25
N LEU A 100 3.08 -6.98 -22.01
CA LEU A 100 3.75 -7.26 -20.73
C LEU A 100 2.91 -6.69 -19.58
N SER A 101 2.49 -5.42 -19.66
CA SER A 101 1.76 -4.83 -18.57
C SER A 101 0.40 -5.53 -18.33
N GLY A 102 -0.33 -5.81 -19.41
CA GLY A 102 -1.57 -6.60 -19.34
C GLY A 102 -1.34 -7.96 -18.72
N ASN A 103 -0.25 -8.62 -19.08
CA ASN A 103 0.05 -9.94 -18.53
C ASN A 103 0.49 -9.89 -17.05
N ILE A 104 1.22 -8.84 -16.65
CA ILE A 104 1.51 -8.62 -15.24
C ILE A 104 0.19 -8.52 -14.47
N LEU A 105 -0.77 -7.73 -14.95
CA LEU A 105 -2.03 -7.58 -14.22
C LEU A 105 -2.80 -8.93 -14.13
N LYS A 106 -2.77 -9.64 -15.26
CA LYS A 106 -3.48 -10.90 -15.39
C LYS A 106 -2.91 -11.95 -14.44
N ASP A 107 -1.59 -12.09 -14.44
CA ASP A 107 -0.94 -13.09 -13.60
C ASP A 107 -0.59 -12.65 -12.16
N PHE A 108 -0.38 -11.36 -11.92
CA PHE A 108 0.11 -10.94 -10.62
C PHE A 108 -0.77 -9.91 -9.91
N GLN A 109 -1.86 -9.50 -10.57
CA GLN A 109 -2.82 -8.52 -10.04
C GLN A 109 -2.27 -7.08 -9.80
N SER A 110 -1.01 -6.97 -9.37
CA SER A 110 -0.46 -5.66 -9.03
C SER A 110 1.03 -5.63 -9.29
N PHE A 111 1.58 -4.43 -9.46
CA PHE A 111 3.02 -4.29 -9.66
C PHE A 111 3.79 -4.71 -8.38
N GLU A 112 3.24 -4.38 -7.22
CA GLU A 112 3.80 -4.79 -5.94
C GLU A 112 4.00 -6.30 -5.86
N ASN A 113 2.94 -7.07 -6.17
CA ASN A 113 2.98 -8.52 -6.14
C ASN A 113 3.91 -9.06 -7.24
N PHE A 114 3.81 -8.49 -8.43
CA PHE A 114 4.76 -8.80 -9.51
C PHE A 114 6.22 -8.77 -9.02
N LYS A 115 6.61 -7.77 -8.23
CA LYS A 115 8.01 -7.66 -7.86
C LYS A 115 8.41 -8.84 -6.99
N GLN A 116 7.46 -9.34 -6.22
CA GLN A 116 7.69 -10.44 -5.29
C GLN A 116 7.74 -11.79 -6.00
N GLU A 117 6.80 -12.00 -6.94
CA GLU A 117 6.52 -13.31 -7.51
C GLU A 117 7.11 -13.57 -8.92
N VAL A 118 7.53 -12.53 -9.62
CA VAL A 118 8.01 -12.73 -10.99
C VAL A 118 9.24 -13.67 -11.05
N THR A 119 9.31 -14.48 -12.11
CA THR A 119 10.50 -15.29 -12.38
C THR A 119 11.07 -14.90 -13.74
N ARG A 120 12.32 -15.27 -13.94
CA ARG A 120 12.93 -15.07 -15.23
C ARG A 120 12.11 -15.72 -16.37
N GLU A 121 11.66 -16.94 -16.14
CA GLU A 121 10.94 -17.72 -17.15
C GLU A 121 9.62 -17.09 -17.56
N TRP A 122 8.91 -16.55 -16.57
CA TRP A 122 7.69 -15.77 -16.84
C TRP A 122 8.01 -14.59 -17.79
N LEU A 123 9.09 -13.87 -17.47
CA LEU A 123 9.49 -12.72 -18.27
C LEU A 123 9.91 -13.15 -19.70
N LEU A 124 10.68 -14.22 -19.79
CA LEU A 124 11.08 -14.77 -21.07
C LEU A 124 9.87 -15.28 -21.91
N ASP A 125 8.73 -15.58 -21.27
CA ASP A 125 7.54 -15.99 -22.02
C ASP A 125 6.72 -14.78 -22.52
N GLN A 126 7.21 -13.60 -22.20
CA GLN A 126 6.55 -12.37 -22.64
C GLN A 126 7.21 -12.00 -23.98
N LYS A 127 6.41 -12.00 -25.04
CA LYS A 127 6.98 -11.87 -26.40
C LYS A 127 7.81 -10.57 -26.55
N GLY A 128 9.05 -10.74 -26.97
CA GLY A 128 9.95 -9.62 -27.23
C GLY A 128 10.90 -9.30 -26.08
N ILE A 129 10.71 -9.93 -24.93
CA ILE A 129 11.60 -9.69 -23.78
C ILE A 129 12.74 -10.69 -23.75
N GLY A 130 13.95 -10.21 -24.01
CA GLY A 130 15.13 -11.09 -24.03
C GLY A 130 15.76 -11.19 -22.66
N LYS A 131 16.85 -11.93 -22.56
CA LYS A 131 17.47 -12.20 -21.27
C LYS A 131 17.93 -10.91 -20.61
N GLU A 132 18.58 -10.06 -21.38
CA GLU A 132 19.09 -8.82 -20.83
C GLU A 132 17.99 -7.96 -20.24
N SER A 133 16.91 -7.74 -20.99
CA SER A 133 15.79 -6.95 -20.47
C SER A 133 15.13 -7.64 -19.30
N ALA A 134 14.93 -8.96 -19.41
CA ALA A 134 14.31 -9.69 -18.32
C ALA A 134 15.15 -9.54 -17.04
N ASP A 135 16.45 -9.70 -17.17
CA ASP A 135 17.38 -9.57 -16.04
C ASP A 135 17.46 -8.16 -15.43
N ALA A 136 17.37 -7.16 -16.27
CA ALA A 136 17.40 -5.79 -15.79
C ALA A 136 16.12 -5.51 -15.01
N ILE A 137 14.98 -6.07 -15.46
CA ILE A 137 13.74 -5.95 -14.69
C ILE A 137 13.91 -6.63 -13.33
N LEU A 138 14.42 -7.87 -13.32
CA LEU A 138 14.61 -8.63 -12.09
C LEU A 138 15.51 -7.88 -11.11
N CYS A 139 16.68 -7.46 -11.56
CA CYS A 139 17.57 -6.78 -10.67
C CYS A 139 17.08 -5.35 -10.37
N TYR A 140 16.93 -4.53 -11.39
CA TYR A 140 16.74 -3.06 -11.18
C TYR A 140 15.32 -2.63 -10.86
N ALA A 141 14.30 -3.39 -11.27
CA ALA A 141 12.92 -3.08 -10.85
C ALA A 141 12.54 -3.93 -9.64
N CYS A 142 12.98 -5.19 -9.61
CA CYS A 142 12.50 -6.11 -8.57
C CYS A 142 13.47 -6.43 -7.42
N ALA A 143 14.70 -5.88 -7.44
CA ALA A 143 15.68 -6.15 -6.35
C ALA A 143 16.07 -7.62 -6.19
N LYS A 144 16.08 -8.35 -7.31
CA LYS A 144 16.42 -9.76 -7.30
C LYS A 144 17.92 -9.88 -7.42
N GLU A 145 18.46 -10.98 -6.91
CA GLU A 145 19.91 -11.20 -6.93
C GLU A 145 20.32 -11.76 -8.27
N VAL A 146 20.39 -10.86 -9.24
CA VAL A 146 20.67 -11.18 -10.65
C VAL A 146 21.63 -10.12 -11.15
N MET A 147 22.74 -10.54 -11.77
CA MET A 147 23.57 -9.54 -12.47
C MET A 147 23.31 -9.56 -13.97
N VAL A 148 22.92 -8.40 -14.48
CA VAL A 148 22.72 -8.17 -15.91
C VAL A 148 24.04 -8.27 -16.58
N VAL A 149 24.08 -8.97 -17.71
CA VAL A 149 25.24 -8.89 -18.60
C VAL A 149 24.68 -8.52 -19.96
N ASP A 150 25.58 -8.30 -20.93
CA ASP A 150 25.26 -7.55 -22.15
C ASP A 150 26.48 -7.54 -23.06
N LYS A 151 26.36 -6.85 -24.19
CA LYS A 151 27.49 -6.72 -25.11
C LYS A 151 28.67 -6.01 -24.45
N TYR A 152 28.42 -4.92 -23.72
CA TYR A 152 29.49 -4.26 -22.95
C TYR A 152 30.34 -5.26 -22.12
N SER A 153 29.67 -6.05 -21.31
CA SER A 153 30.32 -7.01 -20.41
C SER A 153 31.10 -8.09 -21.16
N TYR A 154 30.53 -8.56 -22.28
CA TYR A 154 31.22 -9.49 -23.19
C TYR A 154 32.54 -8.91 -23.65
N LEU A 155 32.50 -7.67 -24.16
CA LEU A 155 33.69 -7.01 -24.73
C LEU A 155 34.73 -6.60 -23.71
N PHE A 156 34.25 -6.17 -22.55
CA PHE A 156 35.06 -5.81 -21.40
C PHE A 156 35.89 -7.01 -20.92
N LEU A 157 35.22 -8.15 -20.76
CA LEU A 157 35.87 -9.38 -20.33
C LEU A 157 36.79 -9.93 -21.39
N LYS A 158 36.34 -9.90 -22.64
CA LYS A 158 37.14 -10.37 -23.76
C LYS A 158 38.49 -9.67 -23.77
N LYS A 159 38.45 -8.34 -23.64
CA LYS A 159 39.66 -7.53 -23.52
C LYS A 159 40.58 -8.01 -22.39
N LEU A 160 40.02 -8.36 -21.23
CA LEU A 160 40.83 -8.87 -20.11
C LEU A 160 41.36 -10.30 -20.32
N GLY A 161 40.95 -10.93 -21.41
CA GLY A 161 41.47 -12.25 -21.78
C GLY A 161 40.53 -13.41 -21.58
N ILE A 162 39.25 -13.13 -21.27
CA ILE A 162 38.26 -14.21 -21.10
C ILE A 162 37.06 -14.01 -22.02
N GLU A 163 36.85 -14.94 -22.93
CA GLU A 163 35.81 -14.79 -23.93
C GLU A 163 34.62 -15.72 -23.63
N ILE A 164 33.48 -15.13 -23.30
CA ILE A 164 32.26 -15.90 -23.02
C ILE A 164 31.08 -15.35 -23.81
N GLU A 165 30.76 -16.01 -24.92
CA GLU A 165 29.74 -15.54 -25.85
C GLU A 165 28.30 -15.79 -25.34
N ASP A 166 28.08 -16.93 -24.73
CA ASP A 166 26.74 -17.30 -24.25
C ASP A 166 26.36 -16.38 -23.08
N TYR A 167 25.18 -15.77 -23.19
CA TYR A 167 24.67 -14.84 -22.19
C TYR A 167 24.72 -15.48 -20.79
N ASP A 168 24.15 -16.69 -20.66
CA ASP A 168 23.99 -17.27 -19.34
C ASP A 168 25.31 -17.64 -18.66
N GLU A 169 26.28 -18.08 -19.46
CA GLU A 169 27.63 -18.43 -18.97
C GLU A 169 28.44 -17.19 -18.54
N LEU A 170 28.29 -16.13 -19.30
CA LEU A 170 28.91 -14.81 -18.97
C LEU A 170 28.34 -14.27 -17.68
N GLN A 171 27.01 -14.26 -17.58
CA GLN A 171 26.36 -13.92 -16.30
C GLN A 171 26.87 -14.81 -15.12
N HIS A 172 26.89 -16.12 -15.32
CA HIS A 172 27.40 -16.97 -14.29
C HIS A 172 28.87 -16.65 -13.92
N PHE A 173 29.72 -16.36 -14.90
CA PHE A 173 31.08 -15.92 -14.57
C PHE A 173 31.04 -14.70 -13.67
N PHE A 174 30.17 -13.76 -13.99
CA PHE A 174 30.16 -12.52 -13.21
C PHE A 174 29.58 -12.73 -11.83
N GLU A 175 28.49 -13.50 -11.75
CA GLU A 175 27.88 -13.77 -10.46
C GLU A 175 28.75 -14.62 -9.55
N LYS A 176 29.39 -15.64 -10.12
CA LYS A 176 30.12 -16.59 -9.28
C LYS A 176 31.32 -16.07 -8.49
N GLY A 177 32.06 -15.13 -9.07
CA GLY A 177 33.24 -14.52 -8.45
C GLY A 177 32.79 -13.80 -7.18
N VAL A 178 31.61 -13.17 -7.27
CA VAL A 178 31.02 -12.48 -6.13
C VAL A 178 30.50 -13.45 -5.07
N GLN A 179 29.70 -14.43 -5.49
CA GLN A 179 29.21 -15.49 -4.62
C GLN A 179 30.35 -16.16 -3.83
N GLU A 180 31.43 -16.44 -4.54
CA GLU A 180 32.61 -17.12 -3.97
C GLU A 180 33.38 -16.28 -2.96
N ASN A 181 33.13 -14.97 -2.97
CA ASN A 181 33.89 -14.03 -2.15
C ASN A 181 32.91 -13.07 -1.53
N LEU A 182 31.79 -13.63 -1.09
CA LEU A 182 30.62 -12.83 -0.76
C LEU A 182 30.90 -11.85 0.37
N ASN A 183 31.46 -12.35 1.47
CA ASN A 183 31.80 -11.48 2.60
C ASN A 183 32.77 -10.34 2.21
N SER A 184 33.82 -10.70 1.46
CA SER A 184 34.82 -9.74 0.99
C SER A 184 34.23 -8.71 0.02
N ALA A 185 33.31 -9.15 -0.85
CA ALA A 185 32.60 -8.23 -1.76
C ALA A 185 31.75 -7.25 -0.97
N LEU A 186 30.92 -7.78 -0.08
CA LEU A 186 30.05 -6.95 0.74
C LEU A 186 30.87 -5.98 1.60
N ALA A 187 32.03 -6.46 2.11
CA ALA A 187 32.88 -5.64 2.99
C ALA A 187 33.52 -4.47 2.25
N LEU A 188 33.55 -4.51 0.92
CA LEU A 188 33.96 -3.35 0.13
C LEU A 188 33.04 -2.15 0.37
N TYR A 189 31.83 -2.44 0.86
CA TYR A 189 30.83 -1.43 1.15
C TYR A 189 30.52 -1.31 2.64
N GLU A 190 31.00 -2.25 3.45
CA GLU A 190 30.74 -2.22 4.91
C GLU A 190 29.42 -2.83 5.36
N ASN A 191 28.91 -3.80 4.60
CA ASN A 191 27.64 -4.44 4.94
C ASN A 191 26.44 -3.43 4.97
N THR A 192 26.57 -2.34 4.21
CA THR A 192 25.51 -1.33 4.11
C THR A 192 24.55 -1.62 2.95
N ILE A 193 24.92 -2.56 2.06
CA ILE A 193 24.09 -2.88 0.88
C ILE A 193 23.85 -4.37 0.68
N SER A 194 22.78 -4.70 -0.05
CA SER A 194 22.43 -6.08 -0.36
C SER A 194 23.19 -6.55 -1.58
N LEU A 195 23.17 -7.85 -1.80
CA LEU A 195 23.82 -8.44 -2.95
C LEU A 195 23.15 -7.99 -4.25
N ALA A 196 21.82 -7.84 -4.22
CA ALA A 196 21.10 -7.36 -5.38
C ALA A 196 21.64 -5.96 -5.75
N GLN A 197 21.79 -5.11 -4.75
CA GLN A 197 22.28 -3.76 -4.94
C GLN A 197 23.74 -3.78 -5.42
N LEU A 198 24.54 -4.70 -4.86
CA LEU A 198 25.88 -4.94 -5.35
C LEU A 198 25.91 -5.25 -6.89
N TYR A 199 25.11 -6.21 -7.35
CA TYR A 199 25.07 -6.53 -8.78
C TYR A 199 24.51 -5.36 -9.59
N ALA A 200 23.52 -4.68 -9.03
CA ALA A 200 23.03 -3.46 -9.65
C ALA A 200 24.18 -2.49 -9.91
N ARG A 201 25.06 -2.31 -8.93
CA ARG A 201 26.16 -1.35 -9.07
C ARG A 201 27.31 -1.88 -9.95
N PHE A 202 27.57 -3.17 -9.84
CA PHE A 202 28.67 -3.83 -10.54
C PHE A 202 28.37 -3.75 -12.03
N HIS A 203 27.15 -4.07 -12.43
CA HIS A 203 26.82 -3.98 -13.86
C HIS A 203 26.95 -2.50 -14.29
N GLY A 204 26.46 -1.59 -13.45
CA GLY A 204 26.63 -0.18 -13.66
C GLY A 204 28.09 0.21 -13.88
N KCX A 205 28.99 -0.32 -13.04
CA KCX A 205 30.40 0.02 -13.21
CB KCX A 205 31.27 -0.67 -12.15
CG KCX A 205 31.17 -0.06 -10.76
CD KCX A 205 31.88 -0.96 -9.77
CE KCX A 205 31.32 -0.75 -8.38
NZ KCX A 205 31.50 0.66 -7.90
C KCX A 205 30.92 -0.40 -14.57
O KCX A 205 31.71 0.32 -15.18
CX KCX A 205 30.72 1.05 -6.90
OQ1 KCX A 205 29.86 0.28 -6.43
OQ2 KCX A 205 30.81 2.19 -6.45
N ILE A 206 30.54 -1.60 -15.01
CA ILE A 206 31.02 -2.12 -16.30
C ILE A 206 30.51 -1.22 -17.43
N VAL A 207 29.22 -0.87 -17.36
CA VAL A 207 28.62 0.03 -18.34
C VAL A 207 29.37 1.40 -18.38
N GLU A 208 29.53 2.04 -17.22
CA GLU A 208 30.20 3.35 -17.15
C GLU A 208 31.65 3.25 -17.61
N PHE A 209 32.34 2.19 -17.20
CA PHE A 209 33.71 1.96 -17.62
C PHE A 209 33.74 1.83 -19.14
N SER A 210 32.79 1.08 -19.68
CA SER A 210 32.72 0.84 -21.12
C SER A 210 32.38 2.12 -21.90
N LYS A 211 31.36 2.85 -21.44
CA LYS A 211 30.99 4.13 -22.03
C LYS A 211 32.14 5.13 -22.01
N GLN A 212 32.92 5.12 -20.93
CA GLN A 212 34.04 6.05 -20.74
C GLN A 212 35.30 5.72 -21.56
N LYS A 213 35.35 4.51 -22.14
CA LYS A 213 36.50 3.98 -22.89
C LYS A 213 37.80 3.94 -22.06
N LEU A 214 37.68 3.45 -20.82
CA LEU A 214 38.80 3.42 -19.87
C LEU A 214 39.62 2.13 -19.98
N GLU A 215 40.69 2.03 -19.17
CA GLU A 215 41.64 0.91 -19.22
C GLU A 215 41.95 0.37 -17.80
N LEU A 216 41.75 -0.93 -17.58
CA LEU A 216 41.80 -1.49 -16.23
C LEU A 216 43.22 -1.74 -15.71
C VAL B 1 7.03 -5.53 21.36
N LEU B 2 7.02 -4.79 20.25
CA LEU B 2 5.91 -3.88 19.95
C LEU B 2 4.55 -4.57 20.07
N ASP B 3 3.72 -4.05 20.96
CA ASP B 3 2.36 -4.51 21.14
C ASP B 3 1.46 -3.29 21.30
N SER B 4 0.16 -3.53 21.43
CA SER B 4 -0.78 -2.44 21.36
C SER B 4 -0.80 -1.62 22.64
N PHE B 5 -0.28 -2.18 23.73
CA PHE B 5 -0.10 -1.45 25.00
C PHE B 5 0.99 -0.34 24.85
N GLU B 6 2.11 -0.72 24.22
CA GLU B 6 3.17 0.22 23.92
C GLU B 6 2.60 1.35 23.05
N ILE B 7 1.80 0.94 22.06
CA ILE B 7 1.16 1.89 21.16
C ILE B 7 0.20 2.84 21.91
N LEU B 8 -0.64 2.25 22.77
CA LEU B 8 -1.58 3.03 23.56
C LEU B 8 -0.85 4.10 24.40
N LYS B 9 0.22 3.73 25.08
CA LYS B 9 0.97 4.68 25.90
C LYS B 9 1.51 5.85 25.09
N ALA B 10 2.11 5.55 23.94
CA ALA B 10 2.72 6.57 23.08
C ALA B 10 1.62 7.48 22.55
N LEU B 11 0.47 6.89 22.19
CA LEU B 11 -0.63 7.70 21.66
C LEU B 11 -1.25 8.57 22.73
N LYS B 12 -1.44 8.01 23.93
CA LYS B 12 -2.03 8.78 25.00
C LYS B 12 -1.21 10.06 25.32
N SER B 13 0.13 9.95 25.30
CA SER B 13 0.96 11.10 25.70
C SER B 13 1.05 12.20 24.61
N LEU B 14 0.47 11.91 23.45
CA LEU B 14 0.36 12.88 22.37
C LEU B 14 -0.87 13.77 22.53
N ASP B 15 -1.64 13.54 23.61
CA ASP B 15 -2.90 14.25 23.89
C ASP B 15 -3.75 14.55 22.63
N LEU B 16 -4.07 13.50 21.89
CA LEU B 16 -4.81 13.62 20.64
C LEU B 16 -6.30 13.91 20.88
N LEU B 17 -6.80 13.56 22.06
CA LEU B 17 -8.23 13.64 22.39
C LEU B 17 -8.53 14.84 23.31
N LYS B 18 -7.60 15.79 23.34
CA LYS B 18 -7.69 17.02 24.16
C LYS B 18 -9.11 17.61 24.25
N ASN B 19 -9.71 17.90 23.09
CA ASN B 19 -11.04 18.51 23.07
C ASN B 19 -12.17 17.55 22.66
N ALA B 20 -11.89 16.24 22.68
CA ALA B 20 -12.91 15.22 22.43
C ALA B 20 -13.77 14.92 23.65
N PRO B 21 -15.01 14.49 23.42
CA PRO B 21 -15.85 13.99 24.51
C PRO B 21 -15.28 12.72 25.11
N ALA B 22 -15.84 12.31 26.24
CA ALA B 22 -15.40 11.17 27.03
C ALA B 22 -15.15 9.89 26.23
N TRP B 23 -16.05 9.54 25.29
CA TRP B 23 -15.94 8.35 24.46
C TRP B 23 -15.43 8.68 23.04
N TRP B 24 -14.95 9.90 22.85
CA TRP B 24 -14.45 10.39 21.56
C TRP B 24 -15.56 10.62 20.52
N TRP B 25 -16.34 9.59 20.21
CA TRP B 25 -17.47 9.69 19.27
C TRP B 25 -18.52 10.60 19.92
N PRO B 26 -18.89 11.69 19.25
CA PRO B 26 -19.89 12.59 19.84
C PRO B 26 -21.25 11.88 19.98
N ASN B 27 -21.89 12.08 21.14
CA ASN B 27 -23.17 11.43 21.41
C ASN B 27 -23.09 9.92 21.42
N ALA B 28 -21.98 9.41 21.98
CA ALA B 28 -21.83 7.98 22.14
C ALA B 28 -22.93 7.44 23.04
N LEU B 29 -23.25 6.17 22.86
CA LEU B 29 -24.22 5.44 23.68
C LEU B 29 -25.66 5.85 23.39
N LYS B 30 -25.87 6.50 22.25
CA LYS B 30 -27.20 6.97 21.82
C LYS B 30 -27.41 6.50 20.40
N PHE B 31 -28.65 6.53 19.94
CA PHE B 31 -29.02 6.08 18.60
C PHE B 31 -28.23 6.79 17.53
N GLU B 32 -27.97 8.07 17.78
CA GLU B 32 -27.15 8.90 16.93
C GLU B 32 -25.76 8.30 16.68
N ALA B 33 -25.15 7.63 17.66
CA ALA B 33 -23.88 6.95 17.41
C ALA B 33 -24.05 5.80 16.40
N LEU B 34 -25.15 5.08 16.52
CA LEU B 34 -25.43 4.00 15.56
C LEU B 34 -25.65 4.55 14.17
N LEU B 35 -26.40 5.68 14.07
CA LEU B 35 -26.58 6.31 12.78
C LEU B 35 -25.24 6.67 12.23
N GLY B 36 -24.39 7.24 13.10
CA GLY B 36 -23.06 7.72 12.68
C GLY B 36 -22.18 6.56 12.27
N ALA B 37 -22.36 5.41 12.91
CA ALA B 37 -21.53 4.24 12.60
C ALA B 37 -21.79 3.76 11.15
N VAL B 38 -23.02 3.92 10.66
CA VAL B 38 -23.37 3.57 9.27
C VAL B 38 -22.94 4.68 8.31
N LEU B 39 -23.20 5.92 8.67
CA LEU B 39 -23.02 7.06 7.80
C LEU B 39 -21.56 7.34 7.57
N THR B 40 -20.71 6.96 8.53
CA THR B 40 -19.29 7.36 8.48
C THR B 40 -18.51 6.62 7.39
N GLN B 41 -19.05 5.49 6.93
CA GLN B 41 -18.33 4.67 5.94
C GLN B 41 -17.94 5.45 4.69
N ASN B 42 -16.63 5.49 4.43
CA ASN B 42 -16.08 6.06 3.20
C ASN B 42 -16.33 7.54 3.07
N THR B 43 -16.37 8.24 4.20
CA THR B 43 -16.58 9.68 4.16
C THR B 43 -15.87 10.36 5.32
N LYS B 44 -15.87 11.69 5.32
CA LYS B 44 -15.26 12.47 6.38
C LYS B 44 -16.31 12.65 7.48
N PHE B 45 -15.88 12.71 8.73
CA PHE B 45 -16.86 12.73 9.82
C PHE B 45 -17.64 14.03 9.87
N GLU B 46 -17.02 15.10 9.38
CA GLU B 46 -17.66 16.40 9.26
C GLU B 46 -18.94 16.27 8.40
N ALA B 47 -18.86 15.47 7.35
CA ALA B 47 -20.05 15.23 6.51
C ALA B 47 -21.18 14.45 7.28
N VAL B 48 -20.77 13.48 8.11
CA VAL B 48 -21.71 12.71 8.96
C VAL B 48 -22.46 13.68 9.89
N LEU B 49 -21.74 14.64 10.44
CA LEU B 49 -22.29 15.62 11.36
C LEU B 49 -23.35 16.48 10.64
N LYS B 50 -23.08 16.82 9.38
CA LYS B 50 -24.04 17.56 8.57
C LYS B 50 -25.29 16.72 8.26
N SER B 51 -25.10 15.46 7.88
CA SER B 51 -26.26 14.57 7.75
C SER B 51 -27.11 14.51 9.00
N LEU B 52 -26.47 14.30 10.15
CA LEU B 52 -27.19 14.27 11.42
C LEU B 52 -27.96 15.58 11.67
N GLU B 53 -27.34 16.73 11.37
CA GLU B 53 -28.04 18.01 11.51
C GLU B 53 -29.27 18.09 10.62
N ASN B 54 -29.22 17.48 9.44
CA ASN B 54 -30.39 17.48 8.56
C ASN B 54 -31.54 16.71 9.16
N LEU B 55 -31.22 15.55 9.73
CA LEU B 55 -32.21 14.72 10.39
C LEU B 55 -32.84 15.43 11.57
N LYS B 56 -32.00 16.14 12.34
CA LYS B 56 -32.51 16.87 13.51
C LYS B 56 -33.40 18.05 13.06
N ASN B 57 -32.94 18.81 12.07
CA ASN B 57 -33.75 19.92 11.57
C ASN B 57 -35.04 19.44 10.93
N ALA B 58 -35.07 18.19 10.48
CA ALA B 58 -36.27 17.64 9.84
C ALA B 58 -37.19 16.95 10.83
N PHE B 59 -36.86 17.00 12.13
CA PHE B 59 -37.68 16.38 13.16
C PHE B 59 -37.60 14.86 13.13
N ILE B 60 -36.66 14.31 12.35
CA ILE B 60 -36.52 12.88 12.31
C ILE B 60 -35.75 12.38 13.54
N LEU B 61 -34.75 13.15 13.96
CA LEU B 61 -33.89 12.73 15.06
C LEU B 61 -34.08 13.73 16.18
N GLU B 62 -34.67 13.27 17.28
CA GLU B 62 -35.02 14.13 18.39
C GLU B 62 -34.42 13.58 19.66
N ASN B 63 -35.02 13.93 20.79
CA ASN B 63 -34.45 13.60 22.08
C ASN B 63 -34.77 12.20 22.61
N ASP B 64 -35.73 11.51 22.02
CA ASP B 64 -36.11 10.18 22.51
C ASP B 64 -35.62 9.07 21.56
N ASP B 65 -34.63 8.27 21.98
CA ASP B 65 -34.07 7.25 21.08
C ASP B 65 -35.04 6.16 20.63
N GLU B 66 -36.06 5.88 21.41
CA GLU B 66 -37.06 4.88 20.98
C GLU B 66 -37.91 5.45 19.86
N ILE B 67 -38.21 6.75 19.95
CA ILE B 67 -38.95 7.41 18.88
C ILE B 67 -38.03 7.52 17.66
N ASN B 68 -36.76 7.83 17.90
CA ASN B 68 -35.78 7.99 16.82
C ASN B 68 -35.69 6.71 16.00
N LEU B 69 -35.67 5.57 16.69
CA LEU B 69 -35.57 4.29 15.98
C LEU B 69 -36.77 4.00 15.08
N LYS B 70 -37.97 4.21 15.60
CA LYS B 70 -39.17 3.99 14.79
C LYS B 70 -39.21 4.98 13.65
N LYS B 71 -38.81 6.22 13.90
CA LYS B 71 -38.85 7.22 12.85
C LYS B 71 -37.97 6.83 11.63
N ILE B 72 -36.82 6.22 11.89
CA ILE B 72 -35.95 5.74 10.82
C ILE B 72 -36.52 4.45 10.22
N ALA B 73 -37.11 3.58 11.06
CA ALA B 73 -37.68 2.35 10.50
C ALA B 73 -38.80 2.70 9.50
N TYR B 74 -39.58 3.72 9.83
CA TYR B 74 -40.77 4.04 9.03
C TYR B 74 -40.72 5.23 8.09
N ILE B 75 -39.61 5.97 8.11
CA ILE B 75 -39.38 7.04 7.13
C ILE B 75 -39.46 6.53 5.66
N GLU B 76 -39.97 7.39 4.78
CA GLU B 76 -39.98 7.12 3.34
C GLU B 76 -38.53 7.11 2.85
N PHE B 77 -38.18 6.05 2.14
CA PHE B 77 -36.77 5.87 1.69
C PHE B 77 -36.24 7.17 1.06
N SER B 78 -37.01 7.76 0.13
CA SER B 78 -36.52 8.91 -0.64
C SER B 78 -36.21 10.11 0.24
N LYS B 79 -37.03 10.36 1.24
CA LYS B 79 -36.75 11.42 2.23
C LYS B 79 -35.45 11.17 3.02
N LEU B 80 -35.23 9.93 3.48
CA LEU B 80 -34.03 9.73 4.27
C LEU B 80 -32.80 9.84 3.37
N ALA B 81 -32.87 9.29 2.16
CA ALA B 81 -31.76 9.38 1.22
C ALA B 81 -31.33 10.84 1.01
N GLU B 82 -32.32 11.72 0.75
CA GLU B 82 -32.07 13.15 0.66
C GLU B 82 -31.33 13.70 1.89
N CYS B 83 -31.87 13.43 3.07
CA CYS B 83 -31.29 13.94 4.32
C CYS B 83 -29.83 13.56 4.53
N VAL B 84 -29.46 12.37 4.08
CA VAL B 84 -28.10 11.88 4.35
C VAL B 84 -27.14 12.08 3.16
N ARG B 85 -27.60 12.84 2.19
CA ARG B 85 -26.77 13.28 1.04
C ARG B 85 -25.32 13.69 1.41
N PRO B 86 -25.14 14.51 2.45
CA PRO B 86 -23.79 15.00 2.78
C PRO B 86 -22.76 13.92 2.98
N SER B 87 -23.12 12.78 3.52
CA SER B 87 -22.10 11.82 3.92
C SER B 87 -21.93 10.73 2.86
N GLY B 88 -22.49 10.98 1.69
CA GLY B 88 -22.20 10.19 0.50
C GLY B 88 -22.91 8.83 0.49
N PHE B 89 -22.95 8.18 -0.68
CA PHE B 89 -23.50 6.82 -0.81
C PHE B 89 -24.85 6.79 -0.14
N TYR B 90 -25.65 7.82 -0.45
CA TYR B 90 -26.82 8.15 0.38
C TYR B 90 -28.00 7.20 0.14
N ASN B 91 -28.10 6.64 -1.07
CA ASN B 91 -29.19 5.68 -1.32
C ASN B 91 -28.88 4.37 -0.61
N GLN B 92 -27.64 3.92 -0.69
CA GLN B 92 -27.24 2.71 0.02
C GLN B 92 -27.39 2.86 1.54
N LYS B 93 -26.91 3.99 2.07
CA LYS B 93 -26.92 4.21 3.50
C LYS B 93 -28.32 4.38 4.03
N ALA B 94 -29.18 5.09 3.29
CA ALA B 94 -30.56 5.21 3.71
C ALA B 94 -31.22 3.85 3.75
N LYS B 95 -31.06 3.06 2.71
CA LYS B 95 -31.62 1.69 2.72
C LYS B 95 -31.05 0.85 3.89
N ARG B 96 -29.74 0.96 4.15
CA ARG B 96 -29.09 0.20 5.20
C ARG B 96 -29.72 0.58 6.56
N LEU B 97 -29.96 1.87 6.77
CA LEU B 97 -30.49 2.37 8.04
C LEU B 97 -31.93 1.97 8.20
N ILE B 98 -32.69 2.00 7.13
CA ILE B 98 -34.10 1.70 7.26
C ILE B 98 -34.26 0.19 7.48
N ASP B 99 -33.54 -0.60 6.73
CA ASP B 99 -33.56 -2.05 6.90
C ASP B 99 -33.13 -2.39 8.35
N LEU B 100 -32.01 -1.78 8.77
CA LEU B 100 -31.43 -2.04 10.07
C LEU B 100 -32.41 -1.69 11.21
N SER B 101 -32.94 -0.48 11.17
CA SER B 101 -33.88 -0.04 12.20
C SER B 101 -35.13 -0.91 12.26
N GLY B 102 -35.67 -1.31 11.11
CA GLY B 102 -36.87 -2.15 11.08
C GLY B 102 -36.56 -3.54 11.63
N ASN B 103 -35.36 -4.03 11.36
CA ASN B 103 -34.95 -5.34 11.94
C ASN B 103 -34.63 -5.28 13.46
N ILE B 104 -34.11 -4.15 13.92
CA ILE B 104 -33.93 -3.93 15.37
C ILE B 104 -35.31 -3.96 16.03
N LEU B 105 -36.30 -3.28 15.48
CA LEU B 105 -37.65 -3.35 16.07
C LEU B 105 -38.21 -4.79 16.06
N LYS B 106 -38.04 -5.48 14.95
CA LYS B 106 -38.55 -6.84 14.75
C LYS B 106 -37.93 -7.81 15.74
N ASP B 107 -36.61 -7.73 15.88
CA ASP B 107 -35.91 -8.72 16.67
C ASP B 107 -35.72 -8.33 18.11
N PHE B 108 -35.71 -7.02 18.38
CA PHE B 108 -35.35 -6.56 19.74
C PHE B 108 -36.40 -5.69 20.42
N GLN B 109 -37.39 -5.27 19.64
CA GLN B 109 -38.53 -4.48 20.12
C GLN B 109 -38.21 -3.01 20.49
N SER B 110 -37.02 -2.77 21.03
CA SER B 110 -36.61 -1.42 21.44
C SER B 110 -35.09 -1.22 21.28
N PHE B 111 -34.66 0.05 21.24
CA PHE B 111 -33.24 0.35 21.15
C PHE B 111 -32.49 0.03 22.45
N GLU B 112 -33.15 0.23 23.59
CA GLU B 112 -32.57 -0.11 24.88
C GLU B 112 -32.31 -1.63 24.93
N ASN B 113 -33.28 -2.47 24.55
CA ASN B 113 -33.05 -3.92 24.47
C ASN B 113 -31.97 -4.30 23.46
N PHE B 114 -32.10 -3.77 22.25
CA PHE B 114 -31.00 -3.89 21.27
C PHE B 114 -29.60 -3.65 21.89
N LYS B 115 -29.38 -2.51 22.55
CA LYS B 115 -28.05 -2.23 23.15
C LYS B 115 -27.55 -3.32 24.09
N GLN B 116 -28.49 -3.96 24.80
CA GLN B 116 -28.15 -5.01 25.75
C GLN B 116 -27.91 -6.37 25.08
N GLU B 117 -28.70 -6.66 24.05
CA GLU B 117 -28.77 -8.01 23.46
C GLU B 117 -28.11 -8.22 22.09
N VAL B 118 -27.82 -7.15 21.37
CA VAL B 118 -27.24 -7.31 20.02
C VAL B 118 -25.87 -8.06 20.09
N THR B 119 -25.59 -8.87 19.07
CA THR B 119 -24.31 -9.55 18.98
C THR B 119 -23.72 -9.10 17.66
N ARG B 120 -22.41 -9.27 17.53
CA ARG B 120 -21.74 -8.92 16.29
C ARG B 120 -22.38 -9.64 15.13
N GLU B 121 -22.72 -10.92 15.31
CA GLU B 121 -23.26 -11.74 14.21
C GLU B 121 -24.63 -11.27 13.73
N TRP B 122 -25.46 -10.80 14.65
CA TRP B 122 -26.75 -10.26 14.27
C TRP B 122 -26.49 -9.07 13.33
N LEU B 123 -25.57 -8.21 13.74
CA LEU B 123 -25.21 -7.03 12.96
C LEU B 123 -24.61 -7.42 11.60
N LEU B 124 -23.73 -8.41 11.57
CA LEU B 124 -23.16 -8.88 10.30
C LEU B 124 -24.20 -9.47 9.34
N ASP B 125 -25.34 -9.92 9.87
CA ASP B 125 -26.42 -10.46 9.03
C ASP B 125 -27.36 -9.35 8.49
N GLN B 126 -27.09 -8.11 8.86
CA GLN B 126 -27.85 -7.00 8.34
C GLN B 126 -27.18 -6.54 7.03
N LYS B 127 -27.95 -6.53 5.95
CA LYS B 127 -27.43 -6.17 4.63
C LYS B 127 -26.71 -4.83 4.66
N GLY B 128 -25.47 -4.82 4.18
CA GLY B 128 -24.66 -3.61 4.13
C GLY B 128 -23.89 -3.21 5.38
N ILE B 129 -24.04 -3.97 6.45
CA ILE B 129 -23.31 -3.67 7.70
C ILE B 129 -22.11 -4.63 7.77
N GLY B 130 -20.90 -4.09 7.62
CA GLY B 130 -19.69 -4.89 7.67
C GLY B 130 -19.07 -4.88 9.06
N LYS B 131 -17.89 -5.49 9.18
CA LYS B 131 -17.23 -5.62 10.46
C LYS B 131 -16.95 -4.24 11.11
N GLU B 132 -16.43 -3.31 10.34
CA GLU B 132 -16.13 -1.99 10.92
C GLU B 132 -17.38 -1.28 11.48
N SER B 133 -18.46 -1.21 10.71
CA SER B 133 -19.66 -0.54 11.22
C SER B 133 -20.32 -1.33 12.31
N ALA B 134 -20.32 -2.66 12.20
CA ALA B 134 -20.90 -3.50 13.26
C ALA B 134 -20.17 -3.22 14.57
N ASP B 135 -18.84 -3.19 14.50
CA ASP B 135 -18.04 -3.01 15.72
C ASP B 135 -18.18 -1.60 16.29
N ALA B 136 -18.28 -0.62 15.40
CA ALA B 136 -18.52 0.75 15.87
C ALA B 136 -19.87 0.85 16.60
N ILE B 137 -20.88 0.18 16.06
CA ILE B 137 -22.18 0.14 16.74
C ILE B 137 -22.02 -0.51 18.12
N LEU B 138 -21.34 -1.64 18.14
CA LEU B 138 -21.09 -2.34 19.38
C LEU B 138 -20.37 -1.46 20.41
N CYS B 139 -19.26 -0.86 20.03
CA CYS B 139 -18.48 -0.12 21.01
C CYS B 139 -19.11 1.25 21.31
N TYR B 140 -19.40 2.03 20.29
CA TYR B 140 -19.80 3.43 20.52
C TYR B 140 -21.29 3.68 20.79
N ALA B 141 -22.16 2.81 20.28
CA ALA B 141 -23.55 2.87 20.68
C ALA B 141 -23.89 1.94 21.83
N CYS B 142 -23.27 0.76 21.86
CA CYS B 142 -23.70 -0.27 22.78
C CYS B 142 -22.75 -0.45 24.00
N ALA B 143 -21.62 0.26 24.03
CA ALA B 143 -20.64 0.15 25.15
C ALA B 143 -20.10 -1.28 25.33
N LYS B 144 -19.94 -1.99 24.23
CA LYS B 144 -19.36 -3.34 24.27
C LYS B 144 -17.85 -3.22 24.23
N GLU B 145 -17.18 -4.23 24.79
CA GLU B 145 -15.72 -4.22 24.84
C GLU B 145 -15.19 -4.76 23.52
N VAL B 146 -15.17 -3.86 22.55
CA VAL B 146 -14.82 -4.18 21.18
C VAL B 146 -13.96 -3.02 20.70
N MET B 147 -12.80 -3.32 20.14
CA MET B 147 -11.96 -2.31 19.51
C MET B 147 -12.20 -2.31 18.02
N VAL B 148 -12.73 -1.20 17.51
CA VAL B 148 -12.94 -1.00 16.12
C VAL B 148 -11.55 -0.88 15.46
N VAL B 149 -11.36 -1.63 14.38
CA VAL B 149 -10.25 -1.36 13.47
C VAL B 149 -10.77 -1.04 12.07
N ASP B 150 -9.85 -0.70 11.15
CA ASP B 150 -10.22 0.01 9.94
C ASP B 150 -8.97 0.17 9.08
N LYS B 151 -9.13 0.80 7.93
CA LYS B 151 -8.00 1.12 7.08
C LYS B 151 -6.94 1.99 7.79
N TYR B 152 -7.37 3.00 8.53
CA TYR B 152 -6.43 3.77 9.38
C TYR B 152 -5.55 2.88 10.23
N SER B 153 -6.15 1.97 11.00
CA SER B 153 -5.40 1.12 11.92
C SER B 153 -4.40 0.23 11.19
N TYR B 154 -4.83 -0.33 10.07
CA TYR B 154 -3.98 -1.15 9.20
C TYR B 154 -2.75 -0.36 8.72
N LEU B 155 -2.93 0.87 8.23
CA LEU B 155 -1.80 1.69 7.74
C LEU B 155 -0.88 2.19 8.85
N PHE B 156 -1.49 2.49 9.99
CA PHE B 156 -0.79 2.89 11.21
C PHE B 156 0.19 1.82 11.65
N LEU B 157 -0.29 0.59 11.82
CA LEU B 157 0.55 -0.55 12.20
C LEU B 157 1.59 -0.87 11.14
N LYS B 158 1.22 -0.80 9.86
CA LYS B 158 2.11 -1.12 8.74
C LYS B 158 3.34 -0.20 8.74
N LYS B 159 3.12 1.06 9.10
CA LYS B 159 4.19 2.03 9.29
C LYS B 159 5.17 1.58 10.39
N LEU B 160 4.67 0.90 11.41
CA LEU B 160 5.51 0.47 12.54
C LEU B 160 6.11 -0.93 12.34
N GLY B 161 5.87 -1.52 11.16
CA GLY B 161 6.56 -2.73 10.75
C GLY B 161 5.71 -3.98 10.83
N ILE B 162 4.41 -3.80 11.11
CA ILE B 162 3.49 -4.92 11.29
C ILE B 162 2.34 -4.91 10.27
N GLU B 163 2.27 -5.93 9.42
CA GLU B 163 1.28 -5.98 8.36
C GLU B 163 0.21 -6.99 8.67
N ILE B 164 -0.99 -6.48 8.97
CA ILE B 164 -2.15 -7.35 9.20
C ILE B 164 -3.36 -6.94 8.36
N GLU B 165 -3.51 -7.58 7.21
CA GLU B 165 -4.59 -7.25 6.27
C GLU B 165 -6.00 -7.66 6.77
N ASP B 166 -6.09 -8.82 7.41
CA ASP B 166 -7.39 -9.39 7.82
C ASP B 166 -7.97 -8.57 8.99
N TYR B 167 -9.21 -8.10 8.82
CA TYR B 167 -9.88 -7.28 9.84
C TYR B 167 -9.79 -7.92 11.21
N ASP B 168 -10.22 -9.19 11.30
CA ASP B 168 -10.32 -9.87 12.58
C ASP B 168 -8.97 -10.07 13.27
N GLU B 169 -7.94 -10.46 12.52
CA GLU B 169 -6.58 -10.51 13.07
C GLU B 169 -6.05 -9.14 13.52
N LEU B 170 -6.36 -8.08 12.76
CA LEU B 170 -5.91 -6.73 13.12
C LEU B 170 -6.53 -6.33 14.44
N GLN B 171 -7.83 -6.51 14.52
CA GLN B 171 -8.57 -6.21 15.74
C GLN B 171 -8.00 -7.00 16.92
N HIS B 172 -7.75 -8.28 16.69
CA HIS B 172 -7.15 -9.12 17.70
C HIS B 172 -5.78 -8.62 18.20
N PHE B 173 -4.95 -8.14 17.29
CA PHE B 173 -3.67 -7.56 17.69
C PHE B 173 -3.90 -6.40 18.65
N PHE B 174 -4.86 -5.55 18.33
CA PHE B 174 -5.13 -4.38 19.18
C PHE B 174 -5.71 -4.78 20.54
N GLU B 175 -6.70 -5.70 20.54
CA GLU B 175 -7.33 -6.15 21.80
C GLU B 175 -6.32 -6.91 22.69
N LYS B 176 -5.51 -7.74 22.06
CA LYS B 176 -4.55 -8.59 22.77
C LYS B 176 -3.60 -7.80 23.69
N GLY B 177 -2.99 -6.75 23.18
CA GLY B 177 -2.01 -5.98 23.91
C GLY B 177 -2.62 -5.31 25.14
N VAL B 178 -3.84 -4.80 24.97
CA VAL B 178 -4.58 -4.20 26.06
C VAL B 178 -5.01 -5.26 27.07
N GLN B 179 -5.56 -6.38 26.60
CA GLN B 179 -5.98 -7.48 27.46
C GLN B 179 -4.81 -8.01 28.31
N GLU B 180 -3.63 -8.12 27.71
CA GLU B 180 -2.44 -8.65 28.38
C GLU B 180 -1.79 -7.64 29.32
N ASN B 181 -2.25 -6.40 29.29
CA ASN B 181 -1.73 -5.38 30.19
C ASN B 181 -2.88 -4.58 30.77
N LEU B 182 -3.96 -5.30 31.06
CA LEU B 182 -5.25 -4.70 31.40
C LEU B 182 -5.17 -3.70 32.56
N ASN B 183 -4.60 -4.12 33.67
CA ASN B 183 -4.54 -3.25 34.84
C ASN B 183 -3.73 -1.97 34.60
N SER B 184 -2.58 -2.13 33.96
CA SER B 184 -1.76 -0.98 33.67
C SER B 184 -2.41 -0.05 32.64
N ALA B 185 -3.11 -0.63 31.66
CA ALA B 185 -3.83 0.14 30.68
C ALA B 185 -4.90 0.97 31.38
N LEU B 186 -5.70 0.33 32.24
CA LEU B 186 -6.75 1.08 32.94
C LEU B 186 -6.16 2.11 33.91
N ALA B 187 -4.97 1.81 34.44
CA ALA B 187 -4.26 2.72 35.32
C ALA B 187 -3.74 3.98 34.63
N LEU B 188 -3.58 3.95 33.31
CA LEU B 188 -3.20 5.16 32.56
C LEU B 188 -4.21 6.28 32.78
N TYR B 189 -5.43 5.90 33.15
CA TYR B 189 -6.53 6.83 33.40
C TYR B 189 -6.73 7.00 34.93
N GLU B 190 -7.17 5.92 35.60
CA GLU B 190 -7.12 5.71 37.07
C GLU B 190 -7.70 4.34 37.41
N ASN B 191 -8.98 4.37 37.76
CA ASN B 191 -9.90 3.28 37.52
C ASN B 191 -11.17 4.03 37.12
N THR B 192 -10.98 5.13 36.39
CA THR B 192 -12.09 6.04 36.09
C THR B 192 -12.85 5.63 34.84
N ILE B 193 -12.28 4.77 33.99
CA ILE B 193 -13.00 4.36 32.78
C ILE B 193 -13.01 2.86 32.54
N SER B 194 -14.01 2.42 31.80
CA SER B 194 -14.21 1.01 31.51
C SER B 194 -13.35 0.57 30.35
N LEU B 195 -13.22 -0.75 30.18
CA LEU B 195 -12.46 -1.23 29.02
C LEU B 195 -13.12 -0.80 27.73
N ALA B 196 -14.46 -0.82 27.70
CA ALA B 196 -15.18 -0.41 26.49
C ALA B 196 -14.81 1.04 26.12
N GLN B 197 -14.85 1.94 27.11
CA GLN B 197 -14.50 3.34 26.92
C GLN B 197 -13.03 3.47 26.55
N LEU B 198 -12.17 2.64 27.15
CA LEU B 198 -10.75 2.62 26.76
C LEU B 198 -10.63 2.30 25.27
N TYR B 199 -11.26 1.21 24.82
CA TYR B 199 -11.23 0.89 23.37
C TYR B 199 -11.77 2.04 22.49
N ALA B 200 -12.83 2.68 23.00
CA ALA B 200 -13.48 3.80 22.29
C ALA B 200 -12.46 4.90 22.05
N ARG B 201 -11.73 5.24 23.11
CA ARG B 201 -10.75 6.32 23.05
C ARG B 201 -9.57 5.89 22.19
N PHE B 202 -9.13 4.63 22.35
CA PHE B 202 -7.95 4.08 21.67
C PHE B 202 -8.19 4.13 20.17
N HIS B 203 -9.32 3.63 19.72
CA HIS B 203 -9.62 3.75 18.28
C HIS B 203 -9.65 5.23 17.88
N GLY B 204 -10.20 6.07 18.76
CA GLY B 204 -10.24 7.51 18.53
C GLY B 204 -8.85 8.08 18.33
N KCX B 205 -7.91 7.61 19.15
CA KCX B 205 -6.54 8.08 19.05
CB KCX B 205 -5.67 7.48 20.17
CG KCX B 205 -5.99 8.04 21.57
CD KCX B 205 -5.23 7.22 22.61
CE KCX B 205 -5.78 7.38 24.03
NZ KCX B 205 -5.89 8.80 24.47
C KCX B 205 -5.92 7.78 17.71
O KCX B 205 -5.30 8.66 17.08
CX KCX B 205 -6.72 9.11 25.47
OQ1 KCX B 205 -7.39 8.23 26.01
OQ2 KCX B 205 -6.84 10.26 25.87
N ILE B 206 -6.08 6.55 17.23
CA ILE B 206 -5.52 6.16 15.94
C ILE B 206 -6.14 7.01 14.82
N VAL B 207 -7.45 7.18 14.86
CA VAL B 207 -8.15 8.00 13.88
C VAL B 207 -7.60 9.45 13.86
N GLU B 208 -7.51 10.09 15.03
CA GLU B 208 -6.99 11.46 15.12
C GLU B 208 -5.53 11.55 14.68
N PHE B 209 -4.74 10.55 15.09
CA PHE B 209 -3.32 10.46 14.75
C PHE B 209 -3.19 10.46 13.22
N SER B 210 -4.01 9.63 12.57
CA SER B 210 -4.05 9.48 11.12
C SER B 210 -4.54 10.73 10.40
N LYS B 211 -5.58 11.36 10.93
CA LYS B 211 -6.08 12.59 10.33
C LYS B 211 -5.01 13.67 10.37
N GLN B 212 -4.22 13.70 11.45
CA GLN B 212 -3.12 14.66 11.62
C GLN B 212 -1.84 14.29 10.85
N LYS B 213 -1.82 13.11 10.21
CA LYS B 213 -0.67 12.62 9.42
C LYS B 213 0.61 12.48 10.27
N LEU B 214 0.49 11.86 11.44
CA LEU B 214 1.60 11.84 12.39
C LEU B 214 2.49 10.62 12.24
N GLU B 215 3.58 10.62 13.00
CA GLU B 215 4.57 9.55 12.94
C GLU B 215 5.02 9.09 14.35
N LEU B 216 5.01 7.78 14.59
CA LEU B 216 5.24 7.25 15.93
C LEU B 216 6.69 6.82 16.11
N6 39A C . 22.97 5.49 -16.31
C6 39A C . 22.91 4.59 -17.33
C5 39A C . 21.97 3.60 -17.22
N7 39A C . 21.02 3.31 -16.24
C4 39A C . 21.89 2.66 -18.28
N9 39A C . 20.94 1.80 -17.99
C8 39A C . 20.43 2.19 -16.78
C9M 39A C . 20.64 0.69 -18.92
N3 39A C . 22.75 2.73 -19.41
C3M 39A C . 22.68 1.74 -20.49
C2 39A C . 23.66 3.73 -19.44
N1 39A C . 23.71 4.62 -18.43
C1 BME D . 4.50 11.88 -27.38
C2 BME D . 3.41 11.91 -26.30
O1 BME D . 5.47 12.88 -27.13
S2 BME D . 3.75 10.69 -24.98
N6 39A E . -14.32 12.87 15.92
C6 39A E . -14.27 12.00 14.89
C5 39A E . -15.11 10.93 14.96
N7 39A E . -16.05 10.51 15.89
C4 39A E . -15.05 10.01 13.85
N9 39A E . -15.93 9.07 14.08
C8 39A E . -16.52 9.36 15.29
C9M 39A E . -16.05 7.97 13.09
N3 39A E . -14.17 10.17 12.76
C3M 39A E . -14.10 9.20 11.63
C2 39A E . -13.37 11.25 12.79
N1 39A E . -13.43 12.11 13.81
C1 BME F . -33.98 17.02 3.61
C2 BME F . -32.98 17.03 4.74
O1 BME F . -34.86 18.10 3.86
S2 BME F . -33.64 15.96 6.06
#